data_16VP
#
_entry.id   16VP
#
_cell.length_a   59.500
_cell.length_b   77.100
_cell.length_c   84.000
_cell.angle_alpha   90.00
_cell.angle_beta   90.00
_cell.angle_gamma   90.00
#
_symmetry.space_group_name_H-M   'P 21 21 21'
#
loop_
_entity.id
_entity.type
_entity.pdbx_description
1 polymer 'PROTEIN (VP16, VMW65, ATIF)'
2 non-polymer 'SULFATE ION'
3 water water
#
_entity_poly.entity_id   1
_entity_poly.type   'polypeptide(L)'
_entity_poly.pdbx_seq_one_letter_code
;SRMPSPPMPVPPAALFNRLLDDLGFSAGPALCTMLDTWNEDLFSALPTNADLYRECKFLSTLPSDVVEWGDAYVPERTQI
DIRAHGDVAFPTLPATRDGLGLYYEALSRFFHAELRAREESYRTVLANFCSALYRYLRASVRQLHRQAHMRGRDRDLGEM
LRATIADRYYRETARLARVLFLHLYLFLTREILWAAYAEQMMRPDLFDCLCCDLESWRQLAGLFQPFMFVNGALTVRGVP
IEARRLRELNHIREHLNLPLVRSAATEEPGAPLTTPPTLHGNQARASGYFMVLIRAKLDSYSSFTTSPSEAVMREHAYSR
APTKNNYGSTIEGLLDLPDDDAPEEAGLAAPRLSFLPAGHTRRLST
;
_entity_poly.pdbx_strand_id   A
#
loop_
_chem_comp.id
_chem_comp.type
_chem_comp.name
_chem_comp.formula
SO4 non-polymer 'SULFATE ION' 'O4 S -2'
#
# COMPACT_ATOMS: atom_id res chain seq x y z
N SER A 1 -1.96 2.32 18.95
CA SER A 1 -3.05 3.33 19.12
C SER A 1 -3.50 3.76 17.75
N ARG A 2 -4.81 3.92 17.60
CA ARG A 2 -5.40 4.36 16.33
C ARG A 2 -4.91 5.78 16.00
N MET A 3 -4.34 6.45 17.00
CA MET A 3 -3.83 7.81 16.81
C MET A 3 -2.45 7.99 17.45
N PRO A 4 -1.42 7.39 16.84
CA PRO A 4 -0.06 7.52 17.38
C PRO A 4 0.39 9.00 17.54
N SER A 5 1.16 9.27 18.60
CA SER A 5 1.64 10.62 18.87
C SER A 5 2.63 11.03 17.82
N PRO A 6 2.69 12.34 17.51
CA PRO A 6 3.62 12.83 16.49
C PRO A 6 5.06 12.47 16.89
N PRO A 7 5.84 11.90 15.95
CA PRO A 7 7.21 11.55 16.31
C PRO A 7 8.08 12.75 16.68
N MET A 8 9.17 12.46 17.40
CA MET A 8 10.13 13.46 17.84
C MET A 8 11.25 13.46 16.84
N PRO A 9 11.94 14.61 16.68
CA PRO A 9 13.07 14.73 15.74
C PRO A 9 14.19 13.78 16.13
N VAL A 10 14.48 12.81 15.27
CA VAL A 10 15.52 11.85 15.58
C VAL A 10 16.19 11.45 14.28
N PRO A 11 17.36 10.82 14.37
CA PRO A 11 18.07 10.39 13.17
C PRO A 11 17.16 9.48 12.35
N PRO A 12 17.18 9.63 11.02
CA PRO A 12 16.35 8.83 10.11
C PRO A 12 16.18 7.33 10.44
N ALA A 13 17.23 6.71 10.96
CA ALA A 13 17.13 5.29 11.30
C ALA A 13 16.26 5.10 12.54
N ALA A 14 16.25 6.08 13.44
CA ALA A 14 15.42 6.00 14.64
C ALA A 14 13.99 6.40 14.28
N LEU A 15 13.86 7.36 13.37
CA LEU A 15 12.55 7.82 12.93
C LEU A 15 11.86 6.66 12.25
N PHE A 16 12.60 5.94 11.42
CA PHE A 16 12.07 4.78 10.73
C PHE A 16 11.55 3.71 11.72
N ASN A 17 12.40 3.30 12.67
CA ASN A 17 12.03 2.30 13.69
C ASN A 17 10.81 2.82 14.43
N ARG A 18 10.80 4.11 14.73
CA ARG A 18 9.68 4.72 15.44
C ARG A 18 8.39 4.54 14.67
N LEU A 19 8.46 4.65 13.35
CA LEU A 19 7.31 4.52 12.47
C LEU A 19 6.75 3.09 12.56
N LEU A 20 7.64 2.10 12.50
CA LEU A 20 7.24 0.70 12.62
C LEU A 20 6.48 0.50 13.95
N ASP A 21 6.94 1.17 14.99
CA ASP A 21 6.28 1.09 16.27
C ASP A 21 4.88 1.71 16.22
N ASP A 22 4.75 2.91 15.67
CA ASP A 22 3.45 3.56 15.62
C ASP A 22 2.45 2.75 14.82
N LEU A 23 2.96 2.02 13.84
CA LEU A 23 2.09 1.22 12.98
C LEU A 23 1.97 -0.24 13.41
N GLY A 24 2.75 -0.67 14.40
CA GLY A 24 2.73 -2.05 14.83
C GLY A 24 3.09 -2.88 13.61
N PHE A 25 4.12 -2.42 12.90
CA PHE A 25 4.57 -3.00 11.65
C PHE A 25 6.01 -3.41 11.71
N SER A 26 6.38 -4.13 12.76
CA SER A 26 7.76 -4.59 12.89
C SER A 26 8.15 -5.49 11.74
N ALA A 27 7.16 -6.11 11.10
CA ALA A 27 7.37 -6.99 9.94
C ALA A 27 7.58 -6.22 8.63
N GLY A 28 7.25 -4.93 8.62
CA GLY A 28 7.36 -4.11 7.42
C GLY A 28 8.60 -4.30 6.57
N PRO A 29 9.81 -4.13 7.13
CA PRO A 29 11.06 -4.29 6.37
C PRO A 29 11.12 -5.67 5.67
N ALA A 30 10.84 -6.73 6.42
CA ALA A 30 10.82 -8.09 5.88
C ALA A 30 9.81 -8.22 4.73
N LEU A 31 8.62 -7.64 4.90
CA LEU A 31 7.63 -7.72 3.84
C LEU A 31 8.17 -6.91 2.65
N CYS A 32 8.79 -5.77 2.95
CA CYS A 32 9.38 -4.92 1.91
C CYS A 32 10.42 -5.71 1.11
N THR A 33 11.26 -6.44 1.83
CA THR A 33 12.29 -7.27 1.25
C THR A 33 11.70 -8.38 0.33
N MET A 34 10.58 -8.96 0.74
CA MET A 34 9.97 -9.99 -0.07
C MET A 34 9.51 -9.48 -1.41
N LEU A 35 9.02 -8.25 -1.45
CA LEU A 35 8.53 -7.66 -2.69
C LEU A 35 9.58 -7.62 -3.80
N ASP A 36 10.84 -7.81 -3.44
CA ASP A 36 11.93 -7.81 -4.41
C ASP A 36 12.07 -9.19 -5.03
N THR A 37 11.96 -10.22 -4.19
CA THR A 37 12.10 -11.61 -4.62
C THR A 37 11.01 -12.10 -5.58
N TRP A 38 9.96 -11.30 -5.76
CA TRP A 38 8.81 -11.61 -6.63
C TRP A 38 8.77 -10.69 -7.86
N ASN A 39 8.03 -11.10 -8.90
CA ASN A 39 7.91 -10.34 -10.16
C ASN A 39 6.47 -9.89 -10.41
N GLU A 40 5.54 -10.37 -9.59
CA GLU A 40 4.12 -10.06 -9.72
C GLU A 40 3.67 -8.61 -9.53
N ASP A 41 2.78 -8.15 -10.41
CA ASP A 41 2.22 -6.81 -10.33
C ASP A 41 0.98 -6.88 -9.45
N LEU A 42 1.19 -6.66 -8.16
CA LEU A 42 0.13 -6.70 -7.16
C LEU A 42 -0.47 -5.33 -6.85
N PHE A 43 0.10 -4.27 -7.42
CA PHE A 43 -0.32 -2.91 -7.07
C PHE A 43 -0.97 -1.99 -8.07
N SER A 44 -0.81 -2.29 -9.36
CA SER A 44 -1.38 -1.48 -10.44
C SER A 44 -2.86 -1.22 -10.40
N ALA A 45 -3.64 -2.20 -9.95
CA ALA A 45 -5.09 -2.05 -9.90
C ALA A 45 -5.58 -1.25 -8.70
N LEU A 46 -4.65 -0.88 -7.82
CA LEU A 46 -5.01 -0.13 -6.61
C LEU A 46 -5.17 1.34 -6.91
N PRO A 47 -6.16 2.00 -6.26
CA PRO A 47 -6.43 3.42 -6.44
C PRO A 47 -5.23 4.17 -5.86
N THR A 48 -4.75 5.18 -6.59
CA THR A 48 -3.61 5.94 -6.12
C THR A 48 -4.02 7.05 -5.16
N ASN A 49 -5.23 7.58 -5.34
CA ASN A 49 -5.76 8.65 -4.49
C ASN A 49 -4.79 9.86 -4.47
N ALA A 50 -4.05 10.01 -5.57
CA ALA A 50 -3.08 11.09 -5.72
C ALA A 50 -3.70 12.44 -5.38
N ASP A 51 -5.00 12.57 -5.62
CA ASP A 51 -5.70 13.82 -5.34
C ASP A 51 -5.63 14.28 -3.89
N LEU A 52 -5.53 13.31 -2.97
CA LEU A 52 -5.46 13.59 -1.55
C LEU A 52 -4.16 14.28 -1.13
N TYR A 53 -3.14 14.20 -1.97
CA TYR A 53 -1.82 14.77 -1.69
C TYR A 53 -1.45 15.97 -2.57
N ARG A 54 -2.38 16.34 -3.44
CA ARG A 54 -2.17 17.43 -4.36
C ARG A 54 -1.87 18.74 -3.64
N GLU A 55 -2.43 18.92 -2.45
CA GLU A 55 -2.21 20.14 -1.70
C GLU A 55 -1.30 19.99 -0.48
N CYS A 56 -0.51 18.92 -0.44
CA CYS A 56 0.42 18.62 0.65
C CYS A 56 1.78 19.27 0.36
N LYS A 57 1.98 20.46 0.91
CA LYS A 57 3.19 21.24 0.71
C LYS A 57 4.45 20.57 1.18
N PHE A 58 4.35 19.66 2.15
CA PHE A 58 5.54 18.94 2.60
C PHE A 58 6.06 17.99 1.52
N LEU A 59 5.32 17.85 0.43
CA LEU A 59 5.75 16.98 -0.65
C LEU A 59 6.30 17.76 -1.84
N SER A 60 6.29 19.08 -1.72
CA SER A 60 6.81 19.96 -2.78
C SER A 60 8.28 19.66 -3.03
N THR A 61 8.63 19.51 -4.31
CA THR A 61 10.00 19.22 -4.70
C THR A 61 10.85 20.50 -4.72
N LEU A 62 10.28 21.61 -4.26
CA LEU A 62 11.00 22.87 -4.17
C LEU A 62 11.51 22.96 -2.74
N PRO A 63 12.82 22.83 -2.50
CA PRO A 63 13.32 22.91 -1.12
C PRO A 63 12.83 24.11 -0.30
N SER A 64 12.70 25.27 -0.95
CA SER A 64 12.23 26.47 -0.27
C SER A 64 10.81 26.32 0.22
N ASP A 65 10.02 25.49 -0.46
CA ASP A 65 8.63 25.22 -0.06
C ASP A 65 8.62 24.40 1.20
N VAL A 66 9.50 23.41 1.27
CA VAL A 66 9.62 22.54 2.44
C VAL A 66 10.07 23.37 3.64
N VAL A 67 10.93 24.36 3.41
CA VAL A 67 11.36 25.22 4.52
C VAL A 67 10.17 26.02 5.05
N GLU A 68 9.40 26.65 4.16
CA GLU A 68 8.24 27.39 4.60
C GLU A 68 7.24 26.49 5.39
N TRP A 69 6.86 25.36 4.81
CA TRP A 69 5.91 24.44 5.44
C TRP A 69 6.43 23.92 6.78
N GLY A 70 7.65 23.44 6.78
CA GLY A 70 8.26 22.89 7.98
C GLY A 70 8.48 23.80 9.15
N ASP A 71 8.75 25.08 8.89
CA ASP A 71 8.98 26.01 9.97
C ASP A 71 7.65 26.30 10.64
N ALA A 72 6.57 26.30 9.86
CA ALA A 72 5.24 26.63 10.34
C ALA A 72 4.38 25.50 10.84
N TYR A 73 4.59 24.31 10.30
CA TYR A 73 3.80 23.15 10.69
C TYR A 73 4.02 22.66 12.12
N VAL A 74 2.94 22.60 12.87
CA VAL A 74 2.95 22.09 14.24
C VAL A 74 2.16 20.78 14.15
N PRO A 75 2.86 19.65 14.31
CA PRO A 75 2.24 18.32 14.25
C PRO A 75 1.12 18.08 15.24
N GLU A 76 0.08 17.42 14.77
CA GLU A 76 -1.06 17.11 15.61
C GLU A 76 -1.52 15.66 15.38
N ARG A 77 -1.78 14.95 16.47
CA ARG A 77 -2.24 13.57 16.41
C ARG A 77 -3.68 13.52 16.91
N THR A 78 -4.38 14.64 16.75
CA THR A 78 -5.76 14.77 17.19
C THR A 78 -6.70 14.00 16.28
N GLN A 79 -6.86 14.48 15.06
CA GLN A 79 -7.73 13.82 14.10
C GLN A 79 -7.00 12.67 13.42
N ILE A 80 -6.65 11.64 14.18
CA ILE A 80 -5.99 10.48 13.59
C ILE A 80 -6.58 9.19 14.12
N ASP A 81 -6.89 8.29 13.19
CA ASP A 81 -7.42 6.98 13.49
C ASP A 81 -7.00 6.22 12.25
N ILE A 82 -5.90 5.49 12.35
CA ILE A 82 -5.40 4.70 11.22
C ILE A 82 -6.26 3.47 10.89
N ARG A 83 -7.37 3.30 11.60
CA ARG A 83 -8.27 2.19 11.33
C ARG A 83 -9.69 2.74 11.15
N ALA A 84 -9.73 3.95 10.59
CA ALA A 84 -10.98 4.64 10.31
C ALA A 84 -11.80 3.92 9.24
N HIS A 85 -13.12 4.09 9.29
CA HIS A 85 -13.99 3.43 8.32
C HIS A 85 -14.66 4.47 7.47
N GLY A 86 -15.20 4.04 6.34
CA GLY A 86 -15.97 4.93 5.49
C GLY A 86 -17.42 4.55 5.82
N ASP A 87 -18.39 5.18 5.18
CA ASP A 87 -19.78 4.84 5.47
C ASP A 87 -20.49 4.05 4.37
N VAL A 88 -19.72 3.49 3.44
CA VAL A 88 -20.31 2.66 2.37
C VAL A 88 -20.51 1.29 3.04
N ALA A 89 -21.67 0.68 2.85
CA ALA A 89 -21.96 -0.61 3.47
C ALA A 89 -21.09 -1.76 3.00
N PHE A 90 -20.62 -2.56 3.95
CA PHE A 90 -19.83 -3.76 3.66
C PHE A 90 -20.90 -4.64 2.97
N PRO A 91 -20.68 -5.04 1.69
CA PRO A 91 -21.70 -5.87 1.04
C PRO A 91 -21.82 -7.28 1.59
N THR A 92 -23.05 -7.81 1.57
CA THR A 92 -23.29 -9.19 2.02
C THR A 92 -23.51 -10.07 0.78
N LEU A 93 -23.09 -11.32 0.84
CA LEU A 93 -23.25 -12.22 -0.29
C LEU A 93 -24.71 -12.30 -0.74
N PRO A 94 -24.96 -12.20 -2.04
CA PRO A 94 -26.33 -12.26 -2.58
C PRO A 94 -27.11 -13.54 -2.24
N ALA A 95 -28.42 -13.43 -2.13
CA ALA A 95 -29.26 -14.58 -1.85
C ALA A 95 -29.15 -15.59 -2.99
N THR A 96 -28.89 -15.11 -4.21
CA THR A 96 -28.78 -15.97 -5.38
C THR A 96 -27.58 -15.57 -6.24
N ARG A 97 -27.18 -16.49 -7.13
CA ARG A 97 -26.04 -16.29 -8.03
C ARG A 97 -26.16 -15.08 -8.92
N ASP A 98 -27.40 -14.67 -9.19
CA ASP A 98 -27.67 -13.53 -10.06
C ASP A 98 -27.04 -12.25 -9.53
N GLY A 99 -26.91 -12.16 -8.21
CA GLY A 99 -26.35 -10.96 -7.59
C GLY A 99 -24.85 -10.92 -7.45
N LEU A 100 -24.17 -11.92 -8.01
CA LEU A 100 -22.74 -11.99 -7.92
C LEU A 100 -21.99 -10.83 -8.60
N GLY A 101 -22.56 -10.31 -9.69
CA GLY A 101 -21.95 -9.20 -10.40
C GLY A 101 -22.01 -7.91 -9.60
N LEU A 102 -23.18 -7.62 -9.04
CA LEU A 102 -23.33 -6.43 -8.22
C LEU A 102 -22.43 -6.53 -7.00
N TYR A 103 -22.29 -7.74 -6.45
CA TYR A 103 -21.42 -7.97 -5.28
C TYR A 103 -19.95 -7.66 -5.54
N TYR A 104 -19.38 -8.24 -6.60
CA TYR A 104 -17.97 -8.01 -6.98
C TYR A 104 -17.72 -6.49 -7.07
N GLU A 105 -18.70 -5.81 -7.65
CA GLU A 105 -18.69 -4.39 -7.84
C GLU A 105 -18.84 -3.65 -6.51
N ALA A 106 -19.81 -4.06 -5.70
CA ALA A 106 -20.07 -3.41 -4.44
C ALA A 106 -18.93 -3.57 -3.43
N LEU A 107 -18.28 -4.72 -3.46
CA LEU A 107 -17.18 -5.00 -2.56
C LEU A 107 -15.95 -4.13 -2.92
N SER A 108 -15.74 -3.91 -4.21
CA SER A 108 -14.63 -3.10 -4.67
C SER A 108 -14.91 -1.65 -4.25
N ARG A 109 -16.14 -1.20 -4.43
CA ARG A 109 -16.53 0.16 -4.03
C ARG A 109 -16.36 0.37 -2.51
N PHE A 110 -16.70 -0.65 -1.72
CA PHE A 110 -16.53 -0.62 -0.27
C PHE A 110 -15.04 -0.42 0.04
N PHE A 111 -14.21 -1.28 -0.55
CA PHE A 111 -12.78 -1.21 -0.35
C PHE A 111 -12.23 0.20 -0.62
N HIS A 112 -12.67 0.82 -1.71
CA HIS A 112 -12.21 2.14 -2.07
C HIS A 112 -12.64 3.18 -1.06
N ALA A 113 -13.88 3.06 -0.59
CA ALA A 113 -14.40 3.97 0.43
C ALA A 113 -13.59 3.84 1.71
N GLU A 114 -13.32 2.60 2.14
CA GLU A 114 -12.51 2.34 3.33
C GLU A 114 -11.09 2.92 3.15
N LEU A 115 -10.50 2.65 1.99
CA LEU A 115 -9.16 3.15 1.69
C LEU A 115 -9.07 4.68 1.76
N ARG A 116 -9.95 5.38 1.06
CA ARG A 116 -9.89 6.84 1.08
C ARG A 116 -10.06 7.40 2.45
N ALA A 117 -10.97 6.82 3.24
CA ALA A 117 -11.22 7.29 4.60
C ALA A 117 -10.01 7.08 5.52
N ARG A 118 -9.41 5.90 5.40
CA ARG A 118 -8.27 5.56 6.20
C ARG A 118 -7.01 6.27 5.70
N GLU A 119 -6.97 6.56 4.40
CA GLU A 119 -5.81 7.23 3.81
C GLU A 119 -5.60 8.67 4.29
N GLU A 120 -6.69 9.36 4.60
CA GLU A 120 -6.60 10.72 5.10
C GLU A 120 -5.84 10.72 6.42
N SER A 121 -5.97 9.65 7.21
CA SER A 121 -5.25 9.56 8.47
C SER A 121 -3.81 9.21 8.21
N TYR A 122 -3.56 8.35 7.24
CA TYR A 122 -2.18 8.01 6.91
C TYR A 122 -1.44 9.24 6.38
N ARG A 123 -2.16 10.13 5.69
CA ARG A 123 -1.58 11.37 5.16
C ARG A 123 -1.12 12.29 6.34
N THR A 124 -1.94 12.39 7.37
CA THR A 124 -1.59 13.16 8.54
C THR A 124 -0.35 12.54 9.18
N VAL A 125 -0.33 11.22 9.26
CA VAL A 125 0.82 10.55 9.85
C VAL A 125 2.09 10.88 9.01
N LEU A 126 1.98 10.88 7.69
CA LEU A 126 3.14 11.20 6.84
C LEU A 126 3.64 12.62 7.11
N ALA A 127 2.70 13.55 7.24
CA ALA A 127 2.97 14.97 7.50
C ALA A 127 3.74 15.14 8.81
N ASN A 128 3.34 14.37 9.81
CA ASN A 128 3.99 14.38 11.11
C ASN A 128 5.39 13.85 11.00
N PHE A 129 5.59 12.79 10.23
CA PHE A 129 6.91 12.20 10.05
C PHE A 129 7.86 13.08 9.27
N CYS A 130 7.33 13.69 8.22
CA CYS A 130 8.04 14.67 7.39
C CYS A 130 8.43 15.90 8.22
N SER A 131 7.56 16.28 9.16
CA SER A 131 7.81 17.41 10.07
C SER A 131 8.99 17.07 10.99
N ALA A 132 8.99 15.88 11.61
CA ALA A 132 10.07 15.47 12.50
C ALA A 132 11.32 15.30 11.66
N LEU A 133 11.15 14.88 10.41
CA LEU A 133 12.29 14.69 9.52
C LEU A 133 12.90 16.06 9.27
N TYR A 134 12.08 17.00 8.82
CA TYR A 134 12.53 18.36 8.54
C TYR A 134 13.27 19.00 9.75
N ARG A 135 12.72 18.84 10.94
CA ARG A 135 13.31 19.37 12.18
C ARG A 135 14.66 18.77 12.51
N TYR A 136 14.83 17.47 12.31
CA TYR A 136 16.13 16.86 12.59
C TYR A 136 17.16 17.47 11.62
N LEU A 137 16.77 17.59 10.36
CA LEU A 137 17.65 18.16 9.34
C LEU A 137 18.02 19.62 9.69
N ARG A 138 17.03 20.39 10.13
CA ARG A 138 17.26 21.78 10.52
C ARG A 138 18.20 21.83 11.73
N ALA A 139 18.04 20.89 12.66
CA ALA A 139 18.90 20.86 13.83
C ALA A 139 20.35 20.49 13.47
N SER A 140 20.52 19.57 12.54
CA SER A 140 21.86 19.16 12.13
C SER A 140 22.60 20.30 11.46
N VAL A 141 21.88 21.04 10.63
CA VAL A 141 22.41 22.18 9.88
C VAL A 141 22.80 23.30 10.82
N ARG A 142 22.00 23.53 11.87
CA ARG A 142 22.29 24.56 12.85
C ARG A 142 23.60 24.22 13.56
N GLN A 143 23.78 22.94 13.87
CA GLN A 143 24.97 22.46 14.56
C GLN A 143 26.23 22.54 13.68
N LEU A 144 26.08 22.29 12.39
CA LEU A 144 27.20 22.38 11.45
C LEU A 144 27.63 23.84 11.31
N HIS A 145 26.63 24.73 11.26
CA HIS A 145 26.85 26.14 11.15
C HIS A 145 27.65 26.60 12.37
N ARG A 146 27.33 26.07 13.55
CA ARG A 146 28.03 26.41 14.78
C ARG A 146 29.51 26.05 14.71
N GLN A 147 29.79 24.80 14.39
CA GLN A 147 31.14 24.28 14.30
C GLN A 147 31.97 25.03 13.26
N ALA A 148 31.37 25.25 12.10
CA ALA A 148 32.03 25.95 11.01
C ALA A 148 32.39 27.37 11.42
N HIS A 149 31.38 28.15 11.81
CA HIS A 149 31.61 29.52 12.23
C HIS A 149 32.61 29.56 13.38
N MET A 150 32.59 28.52 14.21
CA MET A 150 33.50 28.41 15.34
C MET A 150 34.92 28.30 14.78
N ARG A 151 35.03 27.81 13.56
CA ARG A 151 36.31 27.67 12.91
C ARG A 151 36.54 28.78 11.90
N GLY A 152 35.94 29.95 12.15
CA GLY A 152 36.11 31.09 11.26
C GLY A 152 35.36 31.05 9.95
N ARG A 153 34.81 29.88 9.60
CA ARG A 153 34.06 29.70 8.36
C ARG A 153 32.56 29.87 8.60
N ASP A 154 32.05 31.08 8.40
CA ASP A 154 30.62 31.34 8.59
C ASP A 154 29.87 31.26 7.26
N ARG A 155 29.07 30.20 7.11
CA ARG A 155 28.28 29.98 5.89
C ARG A 155 26.85 30.47 6.08
N ASP A 156 26.06 30.48 5.01
CA ASP A 156 24.68 30.92 5.10
C ASP A 156 23.82 29.74 5.52
N LEU A 157 23.26 29.84 6.73
CA LEU A 157 22.42 28.81 7.29
C LEU A 157 21.30 28.43 6.34
N GLY A 158 20.57 29.44 5.85
CA GLY A 158 19.47 29.19 4.92
C GLY A 158 19.84 28.37 3.70
N GLU A 159 21.01 28.64 3.12
CA GLU A 159 21.50 27.93 1.96
C GLU A 159 21.77 26.50 2.42
N MET A 160 22.47 26.35 3.54
CA MET A 160 22.75 25.02 4.07
C MET A 160 21.48 24.19 4.26
N LEU A 161 20.45 24.81 4.86
CA LEU A 161 19.18 24.13 5.11
C LEU A 161 18.54 23.63 3.82
N ARG A 162 18.45 24.50 2.82
CA ARG A 162 17.86 24.13 1.54
C ARG A 162 18.65 23.03 0.83
N ALA A 163 19.96 23.02 1.02
CA ALA A 163 20.76 22.01 0.36
C ALA A 163 20.55 20.63 0.99
N THR A 164 20.48 20.57 2.31
CA THR A 164 20.31 19.27 2.95
C THR A 164 18.94 18.69 2.67
N ILE A 165 17.97 19.57 2.41
CA ILE A 165 16.64 19.12 2.08
C ILE A 165 16.71 18.43 0.73
N ALA A 166 17.36 19.05 -0.24
CA ALA A 166 17.52 18.48 -1.59
C ALA A 166 18.26 17.18 -1.44
N ASP A 167 19.36 17.24 -0.71
CA ASP A 167 20.20 16.10 -0.48
C ASP A 167 19.58 14.90 0.32
N ARG A 168 18.88 15.15 1.41
CA ARG A 168 18.37 14.06 2.23
C ARG A 168 16.86 13.88 2.42
N TYR A 169 16.14 14.99 2.52
CA TYR A 169 14.71 15.00 2.77
C TYR A 169 13.83 14.16 1.86
N TYR A 170 14.02 14.30 0.56
CA TYR A 170 13.15 13.59 -0.35
C TYR A 170 13.39 12.09 -0.31
N ARG A 171 14.65 11.71 -0.19
CA ARG A 171 15.01 10.31 -0.13
C ARG A 171 14.50 9.66 1.14
N GLU A 172 14.56 10.39 2.24
CA GLU A 172 14.11 9.87 3.53
C GLU A 172 12.60 9.75 3.61
N THR A 173 11.90 10.72 3.03
CA THR A 173 10.45 10.76 2.99
C THR A 173 9.92 9.56 2.17
N ALA A 174 10.61 9.27 1.07
CA ALA A 174 10.24 8.16 0.21
C ALA A 174 10.33 6.83 0.94
N ARG A 175 11.40 6.66 1.72
CA ARG A 175 11.67 5.45 2.48
C ARG A 175 10.59 5.25 3.54
N LEU A 176 10.23 6.35 4.21
CA LEU A 176 9.18 6.30 5.22
C LEU A 176 7.82 6.01 4.55
N ALA A 177 7.56 6.71 3.44
CA ALA A 177 6.30 6.56 2.70
C ALA A 177 6.06 5.12 2.24
N ARG A 178 7.09 4.46 1.74
CA ARG A 178 6.96 3.09 1.28
C ARG A 178 6.34 2.18 2.34
N VAL A 179 7.02 2.07 3.48
CA VAL A 179 6.53 1.23 4.56
C VAL A 179 5.19 1.70 5.12
N LEU A 180 4.99 3.01 5.18
CA LEU A 180 3.75 3.58 5.69
C LEU A 180 2.58 3.14 4.85
N PHE A 181 2.69 3.29 3.53
CA PHE A 181 1.61 2.91 2.65
C PHE A 181 1.51 1.41 2.41
N LEU A 182 2.59 0.67 2.62
CA LEU A 182 2.53 -0.78 2.50
C LEU A 182 1.62 -1.23 3.67
N HIS A 183 1.76 -0.58 4.82
CA HIS A 183 0.92 -0.91 5.97
C HIS A 183 -0.53 -0.61 5.67
N LEU A 184 -0.81 0.56 5.10
CA LEU A 184 -2.20 0.91 4.78
C LEU A 184 -2.87 -0.16 3.94
N TYR A 185 -2.22 -0.53 2.84
CA TYR A 185 -2.77 -1.53 1.93
C TYR A 185 -2.83 -2.94 2.52
N LEU A 186 -1.74 -3.40 3.13
CA LEU A 186 -1.76 -4.74 3.70
C LEU A 186 -2.79 -4.93 4.80
N PHE A 187 -2.81 -4.03 5.78
CA PHE A 187 -3.74 -4.11 6.90
C PHE A 187 -5.20 -4.02 6.48
N LEU A 188 -5.51 -3.14 5.51
CA LEU A 188 -6.88 -2.98 5.06
C LEU A 188 -7.37 -4.16 4.22
N THR A 189 -6.60 -4.58 3.22
CA THR A 189 -7.04 -5.71 2.37
C THR A 189 -7.23 -6.99 3.22
N ARG A 190 -6.32 -7.20 4.17
CA ARG A 190 -6.38 -8.34 5.08
C ARG A 190 -7.68 -8.28 5.88
N GLU A 191 -7.90 -7.14 6.52
CA GLU A 191 -9.09 -6.92 7.32
C GLU A 191 -10.39 -7.22 6.57
N ILE A 192 -10.54 -6.66 5.38
CA ILE A 192 -11.73 -6.86 4.59
C ILE A 192 -11.83 -8.28 4.02
N LEU A 193 -10.75 -8.72 3.39
CA LEU A 193 -10.69 -10.02 2.75
C LEU A 193 -10.84 -11.22 3.68
N TRP A 194 -10.26 -11.19 4.87
CA TRP A 194 -10.42 -12.35 5.74
C TRP A 194 -11.86 -12.46 6.19
N ALA A 195 -12.53 -11.33 6.38
CA ALA A 195 -13.93 -11.36 6.78
C ALA A 195 -14.78 -11.89 5.62
N ALA A 196 -14.52 -11.42 4.39
CA ALA A 196 -15.31 -11.86 3.24
C ALA A 196 -15.00 -13.32 2.81
N TYR A 197 -13.77 -13.75 3.06
CA TYR A 197 -13.33 -15.10 2.72
C TYR A 197 -14.13 -16.12 3.53
N ALA A 198 -14.27 -15.83 4.81
CA ALA A 198 -15.00 -16.69 5.72
C ALA A 198 -16.43 -16.87 5.25
N GLU A 199 -17.03 -15.79 4.79
CA GLU A 199 -18.40 -15.83 4.33
C GLU A 199 -18.58 -16.58 3.03
N GLN A 200 -17.63 -16.41 2.11
CA GLN A 200 -17.71 -17.04 0.80
C GLN A 200 -17.49 -18.54 0.96
N MET A 201 -16.66 -18.90 1.93
CA MET A 201 -16.39 -20.28 2.22
C MET A 201 -17.71 -20.96 2.53
N MET A 202 -18.59 -20.23 3.21
CA MET A 202 -19.89 -20.74 3.61
C MET A 202 -20.99 -20.67 2.54
N ARG A 203 -20.64 -20.26 1.32
CA ARG A 203 -21.63 -20.17 0.26
C ARG A 203 -21.29 -20.95 -1.00
N PRO A 204 -21.10 -22.28 -0.87
CA PRO A 204 -20.76 -23.19 -1.97
C PRO A 204 -21.77 -23.06 -3.11
N ASP A 205 -23.01 -22.77 -2.75
CA ASP A 205 -24.05 -22.61 -3.74
C ASP A 205 -23.79 -21.46 -4.73
N LEU A 206 -22.97 -20.47 -4.36
CA LEU A 206 -22.71 -19.39 -5.31
C LEU A 206 -21.45 -19.67 -6.10
N PHE A 207 -20.49 -20.30 -5.45
CA PHE A 207 -19.18 -20.49 -6.05
C PHE A 207 -18.77 -21.84 -6.63
N ASP A 208 -19.51 -22.90 -6.34
CA ASP A 208 -19.18 -24.24 -6.86
C ASP A 208 -19.10 -24.34 -8.39
N CYS A 209 -19.93 -23.57 -9.10
CA CYS A 209 -19.98 -23.60 -10.57
C CYS A 209 -19.64 -22.26 -11.21
N LEU A 210 -19.18 -21.32 -10.40
CA LEU A 210 -18.85 -20.00 -10.92
C LEU A 210 -17.69 -20.04 -11.92
N CYS A 211 -17.93 -19.42 -13.06
CA CYS A 211 -16.94 -19.30 -14.10
C CYS A 211 -16.75 -17.79 -14.18
N CYS A 212 -15.51 -17.35 -14.13
CA CYS A 212 -15.20 -15.93 -14.17
C CYS A 212 -14.11 -15.68 -15.20
N ASP A 213 -14.40 -14.81 -16.18
CA ASP A 213 -13.40 -14.48 -17.19
C ASP A 213 -12.94 -13.05 -17.00
N LEU A 214 -11.62 -12.88 -16.93
CA LEU A 214 -11.01 -11.57 -16.71
C LEU A 214 -10.31 -11.10 -17.98
N GLU A 215 -10.18 -9.79 -18.11
CA GLU A 215 -9.53 -9.20 -19.29
C GLU A 215 -8.03 -9.39 -19.20
N SER A 216 -7.51 -9.44 -17.98
CA SER A 216 -6.09 -9.60 -17.81
C SER A 216 -5.73 -10.33 -16.54
N TRP A 217 -4.47 -10.74 -16.47
CA TRP A 217 -3.94 -11.44 -15.32
C TRP A 217 -3.72 -10.42 -14.19
N ARG A 218 -3.41 -9.18 -14.57
CA ARG A 218 -3.18 -8.08 -13.63
C ARG A 218 -4.39 -7.90 -12.69
N GLN A 219 -5.60 -8.12 -13.24
CA GLN A 219 -6.84 -7.99 -12.48
C GLN A 219 -6.94 -9.05 -11.39
N LEU A 220 -6.28 -10.19 -11.60
CA LEU A 220 -6.27 -11.29 -10.65
C LEU A 220 -5.09 -11.20 -9.71
N ALA A 221 -3.96 -10.70 -10.19
CA ALA A 221 -2.79 -10.60 -9.33
C ALA A 221 -2.91 -9.50 -8.25
N GLY A 222 -3.77 -8.53 -8.50
CA GLY A 222 -3.95 -7.42 -7.56
C GLY A 222 -4.37 -7.84 -6.18
N LEU A 223 -3.76 -7.24 -5.17
CA LEU A 223 -4.04 -7.55 -3.76
C LEU A 223 -5.49 -7.82 -3.40
N PHE A 224 -6.36 -6.92 -3.82
CA PHE A 224 -7.76 -7.04 -3.45
C PHE A 224 -8.59 -7.83 -4.44
N GLN A 225 -8.94 -9.05 -4.01
CA GLN A 225 -9.73 -9.97 -4.80
C GLN A 225 -11.12 -10.17 -4.21
N PRO A 226 -12.16 -9.59 -4.85
CA PRO A 226 -13.52 -9.73 -4.37
C PRO A 226 -13.96 -11.21 -4.29
N PHE A 227 -13.46 -12.05 -5.21
CA PHE A 227 -13.83 -13.47 -5.23
C PHE A 227 -12.67 -14.40 -4.88
N MET A 228 -12.85 -15.17 -3.80
CA MET A 228 -11.83 -16.10 -3.37
C MET A 228 -12.15 -17.59 -3.60
N PHE A 229 -13.27 -17.84 -4.27
CA PHE A 229 -13.74 -19.18 -4.61
C PHE A 229 -14.37 -19.06 -5.99
N VAL A 230 -13.67 -19.56 -7.00
CA VAL A 230 -14.14 -19.53 -8.38
C VAL A 230 -13.92 -20.96 -8.86
N ASN A 231 -14.78 -21.85 -8.39
CA ASN A 231 -14.65 -23.27 -8.69
C ASN A 231 -15.08 -23.86 -10.04
N GLY A 232 -15.85 -23.12 -10.82
CA GLY A 232 -16.25 -23.64 -12.11
C GLY A 232 -15.17 -23.44 -13.16
N ALA A 233 -14.58 -22.25 -13.19
CA ALA A 233 -13.54 -21.91 -14.16
C ALA A 233 -13.02 -20.51 -13.92
N LEU A 234 -11.72 -20.35 -14.16
CA LEU A 234 -11.04 -19.06 -14.02
C LEU A 234 -10.19 -18.89 -15.30
N THR A 235 -10.63 -17.99 -16.15
CA THR A 235 -9.99 -17.74 -17.43
C THR A 235 -9.71 -16.25 -17.63
N VAL A 236 -8.78 -15.94 -18.54
CA VAL A 236 -8.41 -14.57 -18.89
C VAL A 236 -8.58 -14.52 -20.38
N ARG A 237 -9.49 -13.69 -20.86
CA ARG A 237 -9.75 -13.61 -22.29
C ARG A 237 -9.97 -15.03 -22.82
N GLY A 238 -10.83 -15.76 -22.14
CA GLY A 238 -11.17 -17.10 -22.53
C GLY A 238 -10.20 -18.24 -22.27
N VAL A 239 -8.92 -17.95 -22.09
CA VAL A 239 -7.97 -19.05 -21.87
C VAL A 239 -7.90 -19.38 -20.40
N PRO A 240 -7.91 -20.68 -20.07
CA PRO A 240 -7.84 -21.13 -18.67
C PRO A 240 -6.48 -20.75 -18.10
N ILE A 241 -6.46 -20.07 -16.95
CA ILE A 241 -5.18 -19.71 -16.34
C ILE A 241 -4.41 -20.98 -16.01
N GLU A 242 -3.10 -20.88 -15.92
CA GLU A 242 -2.27 -22.04 -15.61
C GLU A 242 -2.25 -22.34 -14.10
N ALA A 243 -2.38 -23.62 -13.75
CA ALA A 243 -2.37 -24.07 -12.35
C ALA A 243 -1.16 -23.55 -11.58
N ARG A 244 0.01 -23.71 -12.18
CA ARG A 244 1.27 -23.25 -11.59
C ARG A 244 1.26 -21.76 -11.26
N ARG A 245 0.75 -20.94 -12.19
CA ARG A 245 0.67 -19.47 -11.98
C ARG A 245 -0.17 -19.11 -10.76
N LEU A 246 -1.36 -19.67 -10.69
CA LEU A 246 -2.26 -19.45 -9.55
C LEU A 246 -1.56 -19.85 -8.24
N ARG A 247 -0.82 -20.97 -8.28
CA ARG A 247 -0.08 -21.50 -7.13
C ARG A 247 0.97 -20.53 -6.63
N GLU A 248 1.67 -19.90 -7.58
CA GLU A 248 2.72 -18.96 -7.26
C GLU A 248 2.16 -17.65 -6.71
N LEU A 249 1.03 -17.23 -7.29
CA LEU A 249 0.33 -16.03 -6.89
C LEU A 249 -0.12 -16.22 -5.44
N ASN A 250 -0.62 -17.42 -5.17
CA ASN A 250 -1.13 -17.80 -3.87
C ASN A 250 -0.02 -17.89 -2.82
N HIS A 251 1.18 -18.25 -3.27
CA HIS A 251 2.33 -18.30 -2.37
C HIS A 251 2.57 -16.86 -1.84
N ILE A 252 2.57 -15.91 -2.77
CA ILE A 252 2.74 -14.48 -2.50
C ILE A 252 1.62 -14.01 -1.53
N ARG A 253 0.35 -14.23 -1.91
CA ARG A 253 -0.81 -13.84 -1.07
C ARG A 253 -0.63 -14.40 0.34
N GLU A 254 -0.24 -15.66 0.40
CA GLU A 254 -0.03 -16.33 1.67
C GLU A 254 1.08 -15.65 2.46
N HIS A 255 2.17 -15.30 1.79
CA HIS A 255 3.31 -14.68 2.45
C HIS A 255 3.09 -13.24 2.84
N LEU A 256 1.96 -12.70 2.41
CA LEU A 256 1.53 -11.35 2.74
C LEU A 256 0.36 -11.48 3.74
N ASN A 257 0.15 -12.70 4.22
CA ASN A 257 -0.95 -13.02 5.11
C ASN A 257 -2.33 -12.64 4.58
N LEU A 258 -2.56 -12.95 3.32
CA LEU A 258 -3.84 -12.68 2.68
C LEU A 258 -4.51 -14.03 2.34
N PRO A 259 -5.86 -14.10 2.32
CA PRO A 259 -6.53 -15.36 1.97
C PRO A 259 -6.24 -15.77 0.52
N LEU A 260 -6.18 -17.08 0.26
CA LEU A 260 -5.90 -17.55 -1.09
C LEU A 260 -7.10 -17.46 -2.02
N VAL A 261 -6.84 -17.54 -3.32
CA VAL A 261 -7.88 -17.54 -4.34
C VAL A 261 -7.99 -19.02 -4.73
N ARG A 262 -9.14 -19.63 -4.43
CA ARG A 262 -9.42 -21.04 -4.68
C ARG A 262 -10.13 -21.26 -5.98
N SER A 263 -9.74 -22.31 -6.68
CA SER A 263 -10.35 -22.65 -7.96
C SER A 263 -10.26 -24.16 -8.17
N ALA A 264 -11.38 -24.85 -7.96
CA ALA A 264 -11.44 -26.30 -8.14
C ALA A 264 -11.02 -26.64 -9.55
N ALA A 265 -11.55 -25.87 -10.50
CA ALA A 265 -11.26 -26.04 -11.91
C ALA A 265 -9.78 -25.88 -12.28
N THR A 266 -9.02 -25.15 -11.47
CA THR A 266 -7.61 -24.88 -11.75
C THR A 266 -6.61 -25.75 -11.02
N GLU A 267 -6.85 -25.94 -9.73
CA GLU A 267 -5.96 -26.71 -8.89
C GLU A 267 -5.72 -28.14 -9.36
N GLU A 268 -4.48 -28.58 -9.33
CA GLU A 268 -4.14 -29.94 -9.77
C GLU A 268 -4.22 -30.91 -8.58
N PRO A 269 -5.08 -31.94 -8.67
CA PRO A 269 -5.16 -32.86 -7.54
C PRO A 269 -3.77 -33.38 -7.30
N GLY A 270 -3.34 -33.41 -6.05
CA GLY A 270 -2.03 -33.92 -5.72
C GLY A 270 -0.98 -32.85 -5.57
N ALA A 271 -1.29 -31.62 -6.00
CA ALA A 271 -0.33 -30.50 -5.88
C ALA A 271 -0.70 -29.63 -4.69
N PRO A 272 0.26 -28.83 -4.19
CA PRO A 272 -0.05 -27.96 -3.06
C PRO A 272 -0.83 -26.74 -3.57
N LEU A 273 -1.41 -25.97 -2.65
CA LEU A 273 -2.16 -24.79 -3.04
C LEU A 273 -1.25 -23.59 -3.39
N THR A 274 -0.03 -23.65 -2.89
CA THR A 274 0.96 -22.58 -3.07
C THR A 274 2.27 -23.18 -3.57
N THR A 275 3.06 -22.36 -4.25
CA THR A 275 4.36 -22.79 -4.77
C THR A 275 5.29 -21.58 -4.91
N PRO A 276 6.51 -21.64 -4.33
CA PRO A 276 7.45 -20.52 -4.41
C PRO A 276 7.86 -20.29 -5.87
N PRO A 277 7.61 -19.08 -6.39
CA PRO A 277 7.98 -18.81 -7.78
C PRO A 277 9.47 -18.56 -7.89
N THR A 278 10.03 -18.77 -9.07
CA THR A 278 11.46 -18.50 -9.30
C THR A 278 11.55 -17.05 -9.80
N LEU A 279 12.35 -16.24 -9.12
CA LEU A 279 12.54 -14.85 -9.47
C LEU A 279 13.27 -14.78 -10.78
N HIS A 280 12.87 -13.83 -11.60
CA HIS A 280 13.50 -13.63 -12.89
C HIS A 280 14.03 -12.21 -12.90
N GLY A 281 15.27 -12.07 -12.45
CA GLY A 281 15.94 -10.77 -12.37
C GLY A 281 15.87 -9.92 -13.62
N ASN A 282 15.60 -10.55 -14.77
CA ASN A 282 15.51 -9.81 -16.01
C ASN A 282 14.11 -9.27 -16.23
N GLN A 283 13.27 -9.38 -15.19
CA GLN A 283 11.87 -8.90 -15.23
C GLN A 283 11.66 -7.93 -14.06
N ALA A 284 10.63 -7.10 -14.17
CA ALA A 284 10.28 -6.12 -13.15
C ALA A 284 9.89 -6.82 -11.85
N ARG A 285 10.23 -6.23 -10.72
CA ARG A 285 9.89 -6.84 -9.44
C ARG A 285 8.64 -6.24 -8.83
N ALA A 286 7.97 -7.00 -7.98
CA ALA A 286 6.75 -6.52 -7.34
C ALA A 286 7.01 -5.17 -6.66
N SER A 287 8.23 -5.03 -6.17
CA SER A 287 8.68 -3.80 -5.51
C SER A 287 8.63 -2.63 -6.50
N GLY A 288 8.93 -2.91 -7.77
CA GLY A 288 8.88 -1.91 -8.81
C GLY A 288 7.49 -1.36 -8.99
N TYR A 289 6.49 -2.24 -9.09
CA TYR A 289 5.10 -1.81 -9.26
C TYR A 289 4.61 -0.98 -8.06
N PHE A 290 5.11 -1.34 -6.88
CA PHE A 290 4.74 -0.65 -5.64
C PHE A 290 5.28 0.79 -5.63
N MET A 291 6.53 0.95 -6.06
CA MET A 291 7.13 2.29 -6.10
C MET A 291 6.38 3.21 -7.05
N VAL A 292 5.87 2.67 -8.14
CA VAL A 292 5.11 3.49 -9.05
C VAL A 292 3.86 4.00 -8.32
N LEU A 293 3.30 3.14 -7.48
CA LEU A 293 2.08 3.47 -6.72
C LEU A 293 2.37 4.60 -5.75
N ILE A 294 3.41 4.41 -4.95
CA ILE A 294 3.77 5.43 -3.97
C ILE A 294 4.21 6.74 -4.63
N ARG A 295 4.97 6.67 -5.72
CA ARG A 295 5.43 7.89 -6.40
C ARG A 295 4.32 8.78 -6.93
N ALA A 296 3.16 8.18 -7.21
CA ALA A 296 1.98 8.93 -7.66
C ALA A 296 1.46 9.79 -6.50
N LYS A 297 1.66 9.33 -5.27
CA LYS A 297 1.26 10.09 -4.11
C LYS A 297 2.29 11.20 -3.90
N LEU A 298 3.56 10.81 -3.88
CA LEU A 298 4.65 11.77 -3.65
C LEU A 298 4.82 12.88 -4.70
N ASP A 299 4.56 12.57 -5.96
CA ASP A 299 4.71 13.55 -7.03
C ASP A 299 3.46 14.40 -7.24
N SER A 300 2.41 14.14 -6.48
CA SER A 300 1.15 14.87 -6.65
C SER A 300 1.19 16.39 -6.53
N TYR A 301 1.84 16.90 -5.50
CA TYR A 301 1.91 18.34 -5.29
C TYR A 301 2.63 19.07 -6.43
N SER A 302 3.82 18.62 -6.74
CA SER A 302 4.62 19.26 -7.76
C SER A 302 4.42 18.70 -9.17
N SER A 303 3.34 17.95 -9.40
CA SER A 303 3.12 17.36 -10.71
C SER A 303 2.85 18.40 -11.80
N ALA A 349 -11.82 -4.16 -16.25
CA ALA A 349 -13.27 -4.16 -16.39
C ALA A 349 -13.97 -5.30 -15.62
N ALA A 350 -15.27 -5.11 -15.40
CA ALA A 350 -16.08 -6.09 -14.71
C ALA A 350 -15.85 -7.46 -15.35
N PRO A 351 -15.60 -8.49 -14.51
CA PRO A 351 -15.35 -9.87 -14.94
C PRO A 351 -16.59 -10.45 -15.61
N ARG A 352 -16.39 -11.35 -16.57
CA ARG A 352 -17.50 -11.98 -17.24
C ARG A 352 -17.82 -13.21 -16.42
N LEU A 353 -19.04 -13.27 -15.86
CA LEU A 353 -19.46 -14.36 -15.00
C LEU A 353 -20.49 -15.31 -15.59
N SER A 354 -20.21 -16.60 -15.53
CA SER A 354 -21.13 -17.62 -16.02
C SER A 354 -21.08 -18.79 -15.05
N PHE A 355 -21.84 -19.85 -15.32
CA PHE A 355 -21.86 -21.00 -14.42
C PHE A 355 -21.85 -22.31 -15.19
N LEU A 356 -21.27 -23.35 -14.59
CA LEU A 356 -21.22 -24.66 -15.25
C LEU A 356 -22.59 -25.32 -15.24
S SO4 B . 14.91 22.12 15.29
O1 SO4 B . 14.76 21.78 13.87
O2 SO4 B . 14.78 20.92 16.13
O3 SO4 B . 13.84 23.07 15.69
O4 SO4 B . 16.25 22.72 15.52
S SO4 C . 5.01 -22.09 0.04
O1 SO4 C . 4.93 -21.86 -1.41
O2 SO4 C . 5.53 -23.45 0.32
O3 SO4 C . 3.67 -21.90 0.62
O4 SO4 C . 5.89 -21.05 0.62
#